data_1U9S
#
_entry.id   1U9S
#
_cell.length_a   76.470
_cell.length_b   120.890
_cell.length_c   133.620
_cell.angle_alpha   90.00
_cell.angle_beta   90.00
_cell.angle_gamma   90.00
#
_symmetry.space_group_name_H-M   'C 2 2 21'
#
loop_
_entity.id
_entity.type
_entity.pdbx_description
1 polymer 'RIBONUCLEASE P'
2 non-polymer 'BARIUM ION'
#
_entity_poly.entity_id   1
_entity_poly.type   'polyribonucleotide'
_entity_poly.pdbx_seq_one_letter_code
;GGGUGCCAGGUAACGCCUGGGCGGGGUAACCCGACGGAAAGUGCCACAGAGAAGAGACCGCCAGCGGCCGGGGCUUCCCC
CGGUGCGGGCAAGGGUGAAACGGCGGGGUAAGAGCCCACCGCCUGGCCUGGCAACAGGCCGGGGCACGGCAAACCCCACC
C
;
_entity_poly.pdbx_strand_id   A
#
loop_
_chem_comp.id
_chem_comp.type
_chem_comp.name
_chem_comp.formula
A RNA linking ADENOSINE-5'-MONOPHOSPHATE 'C10 H14 N5 O7 P'
BA non-polymer 'BARIUM ION' 'Ba 2'
C RNA linking CYTIDINE-5'-MONOPHOSPHATE 'C9 H14 N3 O8 P'
G RNA linking GUANOSINE-5'-MONOPHOSPHATE 'C10 H14 N5 O8 P'
U RNA linking URIDINE-5'-MONOPHOSPHATE 'C9 H13 N2 O9 P'
#
# COMPACT_ATOMS: atom_id res chain seq x y z
BA BA B . 1.66 -10.95 -1.99
BA BA C . 14.85 5.19 9.30
BA BA D . -4.30 -11.27 9.08
BA BA E . -0.06 -25.73 7.36
BA BA F . 3.85 16.36 -18.21
BA BA G . -3.16 -2.14 7.78
BA BA H . 2.35 2.00 14.41
BA BA I . 7.13 37.06 1.00
BA BA J . -10.81 39.72 -9.03
BA BA K . 9.69 -29.20 1.82
BA BA L . 1.70 20.36 -17.56
BA BA M . -19.02 21.63 -4.81
BA BA N . -13.15 18.02 -5.28
BA BA O . -15.08 8.39 6.21
BA BA P . -16.90 -13.16 -4.94
BA BA Q . 12.26 -32.40 12.74
BA BA R . 15.63 -9.96 1.54
BA BA S . -17.64 -9.56 -3.23
BA BA T . 18.08 -12.06 3.01
BA BA U . 13.51 -5.80 1.70
BA BA V . -0.59 -6.49 -10.90
#